data_6E59
#
_entry.id   6E59
#
_cell.length_a   123.789
_cell.length_b   61.975
_cell.length_c   142.942
_cell.angle_alpha   90.000
_cell.angle_beta   100.180
_cell.angle_gamma   90.000
#
_symmetry.space_group_name_H-M   'C 1 2 1'
#
loop_
_entity.id
_entity.type
_entity.pdbx_description
1 polymer 'Substance-P receptor, GlgA glycogen synthase, Substance-P receptor chimera'
2 non-polymer 1-(4-{[(2R,3S)-2-{(1R)-1-[3,5-bis(trifluoromethyl)phenyl]ethoxy}-3-(4-fluorophenyl)morpholin-4-yl]methyl}-1H-1,2,3-triazol-5-yl)-N,N-dimethylmethanamine
#
_entity_poly.entity_id   1
_entity_poly.type   'polypeptide(L)'
_entity_poly.pdbx_seq_one_letter_code
;MDNVLPVDSDLSPNISTNTSEPNQFVQPAWQIVLWAAAYTVIVVTSVVGNVVVMWIILAHKRMRTVTNYFLVNLAFAEAS
MAAFNTVVNFTYAVHNEWYYGLFYCKFHNFFPIAAVFASIYSMTAVAFDRYMAIIHPLQPRLSATATKVVICVIWVLALL
LAFPQGYYSTTETMPSRVVCMIEWPEHPNKIYEKVYHICVTVLIYFLPLLVIGYAYTVVGITLWASEGIDCSFWNESYLT
GSRDERKKSLLSKFGMDEGVTFMFIGRFDRGQKGVDVLLKAIEILSSKKEFQEMRFIIIGKGDPELEGWARSLEEKHGNV
KVITEMLSREFVRELYGSVDFVIIPSYFEPFGLVALEAMCLGAIPIASAVGGLRDIITNETGILVKAGDPGELANAILKA
LELSRSDLSKFRENCKKRAMSFSEQVSAKRKVVKMMIVVVCTFAICWLPFHIFFLLPYINPDLYLKKFIQQVYLAIMWLA
MSSTMYNPIIYCCLNDRFRLGFKHAFRCCPFISAGDYEGLEMKSTRYLQTQGHHHHHHHHHH
;
_entity_poly.pdbx_strand_id   A
#
# COMPACT_ATOMS: atom_id res chain seq x y z
N PRO A 28 28.83 11.98 36.94
CA PRO A 28 28.89 10.74 36.11
C PRO A 28 30.06 10.66 35.13
N ALA A 29 31.18 10.16 35.62
CA ALA A 29 32.44 10.09 34.82
C ALA A 29 32.37 8.98 33.78
N TRP A 30 31.89 7.83 34.25
CA TRP A 30 31.75 6.61 33.42
C TRP A 30 30.84 6.89 32.22
N GLN A 31 29.83 7.75 32.42
CA GLN A 31 28.78 7.91 31.39
C GLN A 31 29.16 8.98 30.38
N ILE A 32 30.38 9.49 30.38
CA ILE A 32 30.71 10.69 29.57
C ILE A 32 30.78 10.31 28.08
N VAL A 33 31.80 9.51 27.78
CA VAL A 33 32.10 9.17 26.37
C VAL A 33 31.00 8.28 25.80
N LEU A 34 30.12 7.73 26.63
CA LEU A 34 29.03 6.86 26.18
C LEU A 34 28.05 7.64 25.30
N TRP A 35 27.60 8.76 25.82
CA TRP A 35 26.59 9.58 25.11
C TRP A 35 27.24 10.50 24.10
N ALA A 36 28.57 10.53 24.02
CA ALA A 36 29.25 11.24 22.91
C ALA A 36 29.14 10.40 21.63
N ALA A 37 29.49 9.14 21.78
CA ALA A 37 29.37 8.12 20.73
C ALA A 37 27.93 7.90 20.31
N ALA A 38 27.01 7.81 21.27
CA ALA A 38 25.57 7.76 21.00
C ALA A 38 25.10 8.81 19.99
N TYR A 39 25.41 10.07 20.20
CA TYR A 39 24.91 11.13 19.30
C TYR A 39 25.70 11.16 17.99
N THR A 40 26.97 10.78 18.09
CA THR A 40 27.93 10.83 16.97
C THR A 40 27.48 9.91 15.85
N VAL A 41 27.10 8.71 16.22
CA VAL A 41 26.57 7.72 15.23
C VAL A 41 25.31 8.27 14.57
N ILE A 42 24.48 8.93 15.36
CA ILE A 42 23.24 9.52 14.83
C ILE A 42 23.56 10.51 13.72
N VAL A 43 24.26 11.57 14.04
CA VAL A 43 24.57 12.64 13.06
C VAL A 43 25.21 12.05 11.80
N VAL A 44 26.20 11.21 12.00
CA VAL A 44 26.94 10.64 10.85
C VAL A 44 26.05 9.78 9.97
N THR A 45 25.35 8.80 10.56
CA THR A 45 24.51 7.87 9.80
C THR A 45 23.34 8.59 9.15
N SER A 46 22.74 9.50 9.90
CA SER A 46 21.60 10.32 9.46
C SER A 46 21.93 11.14 8.23
N VAL A 47 22.97 11.95 8.37
CA VAL A 47 23.39 12.89 7.30
C VAL A 47 23.84 12.11 6.08
N VAL A 48 24.72 11.13 6.26
CA VAL A 48 25.23 10.34 5.12
C VAL A 48 24.06 9.67 4.42
N GLY A 49 23.21 9.02 5.20
CA GLY A 49 22.06 8.28 4.63
C GLY A 49 21.18 9.15 3.80
N ASN A 50 20.78 10.30 4.33
CA ASN A 50 19.74 11.16 3.69
C ASN A 50 20.28 11.91 2.48
N VAL A 51 21.53 12.33 2.53
CA VAL A 51 22.16 13.10 1.41
C VAL A 51 22.32 12.15 0.23
N VAL A 52 22.57 10.86 0.54
CA VAL A 52 22.74 9.89 -0.56
C VAL A 52 21.37 9.55 -1.12
N VAL A 53 20.34 9.53 -0.29
CA VAL A 53 18.95 9.32 -0.75
C VAL A 53 18.63 10.37 -1.80
N MET A 54 18.89 11.63 -1.46
CA MET A 54 18.58 12.76 -2.38
C MET A 54 19.37 12.56 -3.66
N TRP A 55 20.61 12.09 -3.54
CA TRP A 55 21.49 11.88 -4.70
C TRP A 55 20.96 10.77 -5.58
N ILE A 56 20.54 9.67 -4.97
CA ILE A 56 19.99 8.53 -5.74
C ILE A 56 18.76 8.96 -6.55
N ILE A 57 17.83 9.65 -5.89
CA ILE A 57 16.55 10.05 -6.53
C ILE A 57 16.83 10.94 -7.74
N LEU A 58 17.81 11.82 -7.61
CA LEU A 58 18.02 12.84 -8.66
C LEU A 58 18.95 12.29 -9.75
N ALA A 59 19.86 11.39 -9.36
CA ALA A 59 20.91 10.90 -10.28
C ALA A 59 20.37 9.90 -11.31
N HIS A 60 19.64 8.91 -10.80
CA HIS A 60 18.90 7.94 -11.64
C HIS A 60 18.02 8.70 -12.63
N LYS A 61 17.86 8.07 -13.79
CA LYS A 61 17.36 8.68 -15.05
C LYS A 61 15.97 9.20 -14.74
N ARG A 62 15.05 8.31 -14.39
CA ARG A 62 13.75 8.76 -13.84
C ARG A 62 13.40 7.97 -12.58
N MET A 63 13.73 8.53 -11.43
CA MET A 63 13.17 8.13 -10.13
C MET A 63 12.30 9.26 -9.59
N ARG A 64 12.01 10.25 -10.43
CA ARG A 64 11.56 11.59 -9.97
C ARG A 64 10.10 11.62 -9.61
N THR A 65 9.49 10.45 -9.42
CA THR A 65 8.06 10.39 -9.01
C THR A 65 7.78 11.24 -7.78
N VAL A 66 6.56 11.79 -7.70
CA VAL A 66 6.19 12.78 -6.68
C VAL A 66 6.43 12.20 -5.30
N THR A 67 6.22 10.90 -5.14
CA THR A 67 6.49 10.23 -3.85
C THR A 67 7.94 10.44 -3.44
N ASN A 68 8.84 10.16 -4.36
CA ASN A 68 10.29 10.34 -4.14
C ASN A 68 10.69 11.78 -3.95
N TYR A 69 10.01 12.74 -4.60
CA TYR A 69 10.20 14.17 -4.39
C TYR A 69 9.93 14.59 -2.95
N PHE A 70 8.82 14.07 -2.39
CA PHE A 70 8.50 14.31 -0.98
C PHE A 70 9.53 13.64 -0.08
N LEU A 71 10.08 12.53 -0.58
CA LEU A 71 11.10 11.79 0.19
C LEU A 71 12.40 12.58 0.19
N VAL A 72 12.60 13.37 -0.86
CA VAL A 72 13.78 14.27 -0.95
C VAL A 72 13.63 15.32 0.11
N ASN A 73 12.47 15.93 0.19
CA ASN A 73 12.19 16.99 1.18
C ASN A 73 12.24 16.38 2.59
N LEU A 74 11.79 15.15 2.71
CA LEU A 74 11.88 14.44 3.99
C LEU A 74 13.34 14.30 4.40
N ALA A 75 14.14 13.76 3.49
CA ALA A 75 15.58 13.56 3.73
C ALA A 75 16.24 14.91 4.06
N PHE A 76 15.77 15.96 3.41
CA PHE A 76 16.31 17.32 3.61
C PHE A 76 15.99 17.82 4.99
N ALA A 77 14.71 17.89 5.32
CA ALA A 77 14.25 18.42 6.62
C ALA A 77 14.65 17.51 7.78
N GLU A 78 14.56 16.20 7.59
CA GLU A 78 14.70 15.26 8.72
C GLU A 78 16.16 15.15 9.21
N ALA A 79 17.10 15.04 8.28
CA ALA A 79 18.50 14.74 8.64
C ALA A 79 19.43 15.88 8.23
N SER A 80 19.41 16.21 6.94
CA SER A 80 20.30 17.24 6.39
C SER A 80 20.22 18.49 7.26
N MET A 81 19.08 18.76 7.88
CA MET A 81 18.95 20.01 8.65
C MET A 81 18.80 19.72 10.14
N ALA A 82 17.79 18.97 10.50
CA ALA A 82 17.48 18.67 11.91
C ALA A 82 18.67 18.03 12.62
N ALA A 83 19.19 16.90 12.16
CA ALA A 83 20.30 16.25 12.89
C ALA A 83 21.43 17.22 13.20
N PHE A 84 21.94 17.84 12.14
CA PHE A 84 23.10 18.76 12.18
C PHE A 84 22.82 19.94 13.10
N ASN A 85 21.61 20.53 13.05
CA ASN A 85 21.39 21.67 14.00
C ASN A 85 21.15 21.20 15.45
N THR A 86 20.31 20.19 15.63
CA THR A 86 19.77 19.83 16.97
C THR A 86 20.80 19.20 17.93
N VAL A 87 21.48 18.17 17.44
CA VAL A 87 22.26 17.24 18.29
C VAL A 87 23.29 18.05 19.09
N VAL A 88 24.07 18.80 18.31
CA VAL A 88 25.22 19.55 18.86
C VAL A 88 24.67 20.48 19.92
N ASN A 89 23.59 21.18 19.60
CA ASN A 89 23.00 22.16 20.53
C ASN A 89 22.43 21.53 21.80
N PHE A 90 21.71 20.44 21.70
CA PHE A 90 21.24 19.77 22.92
C PHE A 90 22.42 19.23 23.72
N THR A 91 23.49 18.86 23.01
CA THR A 91 24.72 18.45 23.71
C THR A 91 25.31 19.62 24.51
N TYR A 92 25.20 20.80 23.93
CA TYR A 92 25.61 22.04 24.64
C TYR A 92 24.73 22.17 25.88
N ALA A 93 23.48 21.81 25.74
CA ALA A 93 22.43 22.19 26.70
C ALA A 93 22.36 21.21 27.86
N VAL A 94 23.17 20.17 27.86
CA VAL A 94 23.15 19.16 28.95
C VAL A 94 23.54 19.80 30.29
N HIS A 95 24.73 20.35 30.36
CA HIS A 95 25.21 20.92 31.65
C HIS A 95 25.11 22.44 31.66
N ASN A 96 24.38 23.01 30.70
CA ASN A 96 24.34 24.45 30.46
C ASN A 96 25.73 25.02 30.15
N GLU A 97 26.48 24.32 29.31
CA GLU A 97 27.81 24.77 28.91
C GLU A 97 27.72 25.94 27.92
N TRP A 98 26.81 25.82 26.96
CA TRP A 98 26.57 26.83 25.93
C TRP A 98 27.86 27.38 25.32
N TYR A 99 28.56 26.52 24.57
CA TYR A 99 29.79 26.87 23.89
C TYR A 99 29.56 28.07 22.97
N TYR A 100 28.64 27.93 22.02
CA TYR A 100 28.13 29.09 21.30
C TYR A 100 26.63 29.27 21.59
N GLY A 101 26.31 30.32 22.35
CA GLY A 101 24.88 30.65 22.52
C GLY A 101 24.46 31.54 21.36
N LEU A 102 25.03 32.76 21.29
CA LEU A 102 24.80 33.72 20.17
C LEU A 102 23.31 33.82 19.84
N PHE A 103 22.99 33.69 18.56
CA PHE A 103 21.58 33.62 18.09
C PHE A 103 21.16 32.16 17.95
N TYR A 104 22.10 31.27 18.14
CA TYR A 104 21.82 29.82 17.97
C TYR A 104 20.74 29.37 18.96
N CYS A 105 20.40 30.10 20.06
CA CYS A 105 19.37 29.70 21.03
C CYS A 105 18.00 29.74 20.36
N LYS A 106 17.76 30.88 19.77
CA LYS A 106 16.47 31.06 19.11
C LYS A 106 16.42 30.26 17.82
N PHE A 107 17.56 30.00 17.20
CA PHE A 107 17.53 29.22 15.95
C PHE A 107 17.22 27.76 16.25
N HIS A 108 17.97 27.28 17.24
CA HIS A 108 17.94 25.90 17.79
C HIS A 108 16.57 25.59 18.39
N ASN A 109 15.94 26.62 18.92
CA ASN A 109 14.58 26.51 19.50
C ASN A 109 13.54 26.53 18.40
N PHE A 110 13.81 27.29 17.34
CA PHE A 110 12.86 27.53 16.25
C PHE A 110 12.79 26.35 15.27
N PHE A 111 13.97 25.85 14.93
CA PHE A 111 14.20 25.02 13.73
C PHE A 111 13.64 23.61 13.82
N PRO A 112 13.74 22.89 14.94
CA PRO A 112 13.27 21.51 14.99
C PRO A 112 11.78 21.35 14.71
N ILE A 113 11.05 22.40 15.09
CA ILE A 113 9.60 22.53 14.85
C ILE A 113 9.29 22.65 13.37
N ALA A 114 10.02 23.50 12.66
CA ALA A 114 9.90 23.66 11.20
C ALA A 114 10.32 22.38 10.46
N ALA A 115 11.47 21.86 10.83
CA ALA A 115 12.08 20.71 10.13
C ALA A 115 11.20 19.48 10.24
N VAL A 116 10.69 19.22 11.44
CA VAL A 116 9.86 18.01 11.68
C VAL A 116 8.50 18.21 11.03
N PHE A 117 7.99 19.44 11.09
CA PHE A 117 6.71 19.76 10.43
C PHE A 117 6.84 19.43 8.95
N ALA A 118 7.91 19.94 8.34
CA ALA A 118 8.16 19.77 6.91
C ALA A 118 8.35 18.30 6.56
N SER A 119 8.94 17.56 7.50
CA SER A 119 9.24 16.12 7.29
C SER A 119 7.96 15.30 7.28
N ILE A 120 7.17 15.41 8.34
CA ILE A 120 5.97 14.57 8.52
C ILE A 120 4.91 14.91 7.46
N TYR A 121 4.85 16.16 7.04
CA TYR A 121 3.84 16.60 6.08
C TYR A 121 4.28 16.27 4.67
N SER A 122 5.57 16.00 4.49
CA SER A 122 6.09 15.42 3.24
C SER A 122 5.67 13.96 3.19
N MET A 123 5.72 13.31 4.35
CA MET A 123 5.33 11.90 4.48
C MET A 123 3.81 11.75 4.38
N THR A 124 3.08 12.76 4.84
CA THR A 124 1.62 12.80 4.71
C THR A 124 1.24 12.89 3.26
N ALA A 125 1.96 13.74 2.54
CA ALA A 125 1.80 14.03 1.11
C ALA A 125 1.90 12.72 0.35
N VAL A 126 2.89 11.90 0.75
CA VAL A 126 3.07 10.61 0.04
C VAL A 126 1.90 9.71 0.35
N ALA A 127 1.44 9.72 1.59
CA ALA A 127 0.36 8.81 2.02
C ALA A 127 -0.91 9.04 1.18
N PHE A 128 -1.07 10.30 0.77
CA PHE A 128 -2.28 10.68 0.00
C PHE A 128 -2.06 10.60 -1.49
N ASP A 129 -0.79 10.60 -1.90
CA ASP A 129 -0.46 10.35 -3.31
C ASP A 129 -0.79 8.91 -3.61
N ARG A 130 -0.49 8.05 -2.67
CA ARG A 130 -0.78 6.60 -2.80
C ARG A 130 -2.27 6.36 -2.59
N TYR A 131 -2.90 7.11 -1.71
CA TYR A 131 -4.36 7.01 -1.54
C TYR A 131 -5.05 7.24 -2.88
N MET A 132 -4.76 8.37 -3.50
CA MET A 132 -5.34 8.69 -4.83
C MET A 132 -4.96 7.68 -5.89
N ALA A 133 -3.71 7.31 -5.98
CA ALA A 133 -3.20 6.41 -7.02
C ALA A 133 -3.91 5.05 -6.97
N ILE A 134 -4.26 4.64 -5.77
CA ILE A 134 -4.82 3.28 -5.55
C ILE A 134 -6.34 3.31 -5.54
N ILE A 135 -6.91 4.30 -4.83
CA ILE A 135 -8.37 4.37 -4.58
C ILE A 135 -9.05 5.12 -5.72
N HIS A 136 -8.44 6.24 -6.17
CA HIS A 136 -8.97 7.02 -7.29
C HIS A 136 -7.97 7.17 -8.43
N PRO A 137 -7.55 6.06 -9.07
CA PRO A 137 -6.45 6.07 -10.03
C PRO A 137 -6.68 6.91 -11.28
N LEU A 138 -7.93 7.30 -11.51
CA LEU A 138 -8.34 8.05 -12.72
C LEU A 138 -7.92 9.51 -12.70
N GLN A 139 -7.77 10.11 -11.52
CA GLN A 139 -7.26 11.49 -11.43
C GLN A 139 -5.83 11.53 -10.92
N PRO A 140 -4.85 11.78 -11.81
CA PRO A 140 -3.46 11.97 -11.39
C PRO A 140 -3.23 13.41 -10.94
N ARG A 141 -3.72 13.73 -9.74
CA ARG A 141 -3.90 15.14 -9.31
C ARG A 141 -2.61 15.95 -9.33
N LEU A 142 -1.50 15.32 -8.94
CA LEU A 142 -0.24 16.04 -8.67
C LEU A 142 0.70 16.00 -9.86
N SER A 143 0.90 17.16 -10.47
CA SER A 143 1.92 17.37 -11.51
C SER A 143 3.25 17.70 -10.85
N ALA A 144 4.28 17.89 -11.67
CA ALA A 144 5.66 18.10 -11.20
C ALA A 144 5.82 19.47 -10.54
N THR A 145 5.27 20.46 -11.23
CA THR A 145 5.11 21.84 -10.74
C THR A 145 4.33 21.86 -9.45
N ALA A 146 3.14 21.26 -9.45
CA ALA A 146 2.29 21.27 -8.24
C ALA A 146 3.06 20.69 -7.06
N THR A 147 3.86 19.64 -7.32
CA THR A 147 4.63 18.98 -6.27
C THR A 147 5.63 19.96 -5.66
N LYS A 148 6.29 20.72 -6.51
CA LYS A 148 7.26 21.73 -6.03
C LYS A 148 6.54 22.77 -5.20
N VAL A 149 5.37 23.18 -5.65
CA VAL A 149 4.56 24.18 -4.90
C VAL A 149 4.25 23.66 -3.51
N VAL A 150 3.74 22.45 -3.43
CA VAL A 150 3.47 21.76 -2.14
C VAL A 150 4.65 21.83 -1.19
N ILE A 151 5.83 21.45 -1.67
CA ILE A 151 7.06 21.42 -0.82
C ILE A 151 7.33 22.84 -0.32
N CYS A 152 7.16 23.83 -1.19
CA CYS A 152 7.39 25.24 -0.82
C CYS A 152 6.38 25.71 0.22
N VAL A 153 5.11 25.40 -0.01
CA VAL A 153 4.01 25.79 0.90
C VAL A 153 4.25 25.19 2.29
N ILE A 154 4.62 23.93 2.32
CA ILE A 154 4.81 23.19 3.59
C ILE A 154 5.87 23.89 4.43
N TRP A 155 6.96 24.29 3.76
CA TRP A 155 8.12 24.92 4.43
C TRP A 155 7.66 26.24 5.05
N VAL A 156 6.90 27.01 4.29
CA VAL A 156 6.49 28.34 4.79
C VAL A 156 5.57 28.15 5.99
N LEU A 157 4.62 27.24 5.92
CA LEU A 157 3.72 26.98 7.05
C LEU A 157 4.49 26.46 8.24
N ALA A 158 5.54 25.68 7.99
CA ALA A 158 6.39 25.11 9.06
C ALA A 158 7.12 26.20 9.85
N LEU A 159 7.68 27.20 9.15
CA LEU A 159 8.42 28.29 9.80
C LEU A 159 7.46 29.28 10.44
N LEU A 160 6.30 29.44 9.84
CA LEU A 160 5.23 30.32 10.37
C LEU A 160 4.60 29.73 11.62
N LEU A 161 4.53 28.43 11.76
CA LEU A 161 4.08 27.80 13.00
C LEU A 161 5.12 27.96 14.08
N ALA A 162 6.38 28.01 13.69
CA ALA A 162 7.50 27.94 14.65
C ALA A 162 7.86 29.29 15.25
N PHE A 163 7.74 30.36 14.47
CA PHE A 163 8.27 31.71 14.77
C PHE A 163 7.75 32.29 16.07
N PRO A 164 6.46 32.07 16.44
CA PRO A 164 5.97 32.77 17.63
C PRO A 164 6.78 32.39 18.87
N GLN A 165 7.37 31.20 18.83
CA GLN A 165 8.12 30.67 19.98
C GLN A 165 9.58 30.93 19.68
N GLY A 166 9.96 30.67 18.45
CA GLY A 166 11.37 30.75 18.02
C GLY A 166 11.95 32.14 18.11
N TYR A 167 11.22 33.09 17.53
CA TYR A 167 11.67 34.49 17.38
C TYR A 167 11.88 35.15 18.73
N TYR A 168 11.17 34.64 19.74
CA TYR A 168 11.04 35.34 21.05
C TYR A 168 11.85 34.69 22.14
N SER A 169 12.73 33.76 21.77
CA SER A 169 13.70 33.13 22.68
C SER A 169 14.69 34.18 23.19
N THR A 170 14.81 34.30 24.50
CA THR A 170 15.63 35.36 25.11
C THR A 170 16.61 34.74 26.08
N THR A 171 17.89 35.04 25.92
CA THR A 171 18.92 34.59 26.87
C THR A 171 18.95 35.50 28.08
N GLU A 172 18.84 34.93 29.27
CA GLU A 172 18.81 35.69 30.53
C GLU A 172 20.01 35.28 31.36
N THR A 173 20.89 36.26 31.58
CA THR A 173 22.25 36.08 32.10
C THR A 173 22.20 35.98 33.63
N MET A 174 22.90 34.97 34.13
CA MET A 174 23.04 34.72 35.58
C MET A 174 24.52 34.59 35.87
N PRO A 175 24.93 34.53 37.16
CA PRO A 175 26.35 34.59 37.52
C PRO A 175 27.27 33.49 36.98
N SER A 176 26.79 32.25 37.01
CA SER A 176 27.50 31.05 36.54
C SER A 176 27.25 30.83 35.05
N ARG A 177 26.01 31.01 34.62
CA ARG A 177 25.59 30.55 33.29
C ARG A 177 24.81 31.62 32.55
N VAL A 178 24.66 31.38 31.27
CA VAL A 178 23.78 32.20 30.38
C VAL A 178 22.85 31.24 29.67
N VAL A 179 21.57 31.30 29.98
CA VAL A 179 20.60 30.31 29.46
C VAL A 179 19.39 31.01 28.87
N CYS A 180 18.76 30.41 27.87
CA CYS A 180 17.66 31.05 27.12
C CYS A 180 16.36 30.26 27.24
N MET A 181 15.26 30.96 27.23
CA MET A 181 13.89 30.35 27.23
C MET A 181 12.90 31.29 26.56
N ILE A 182 11.67 30.80 26.40
CA ILE A 182 10.58 31.51 25.67
C ILE A 182 9.33 31.48 26.52
N GLU A 183 8.87 32.66 27.00
CA GLU A 183 7.67 32.75 27.86
C GLU A 183 7.05 34.15 27.74
N TRP A 184 5.79 34.24 28.14
CA TRP A 184 5.08 35.53 28.34
C TRP A 184 4.10 35.38 29.50
N PRO A 185 4.32 36.06 30.65
CA PRO A 185 3.51 35.82 31.86
C PRO A 185 2.25 36.64 32.16
N GLU A 186 1.80 37.45 31.21
CA GLU A 186 0.65 38.37 31.40
C GLU A 186 -0.45 37.70 32.24
N HIS A 187 -0.82 36.47 31.86
CA HIS A 187 -1.76 35.56 32.58
C HIS A 187 -0.96 34.34 33.07
N PRO A 188 -1.49 33.51 34.00
CA PRO A 188 -0.69 32.36 34.48
C PRO A 188 -0.03 31.51 33.40
N ASN A 189 1.21 31.07 33.67
CA ASN A 189 2.05 30.37 32.67
C ASN A 189 1.29 29.17 32.11
N LYS A 190 0.58 28.45 32.97
CA LYS A 190 -0.21 27.29 32.50
C LYS A 190 -1.09 27.69 31.31
N ILE A 191 -1.93 28.68 31.53
CA ILE A 191 -2.99 29.08 30.58
C ILE A 191 -2.39 29.27 29.21
N TYR A 192 -1.23 29.90 29.10
CA TYR A 192 -0.64 30.26 27.78
C TYR A 192 0.20 29.10 27.25
N GLU A 193 1.19 28.72 28.06
CA GLU A 193 2.12 27.60 27.73
C GLU A 193 1.38 26.36 27.26
N LYS A 194 0.41 25.91 28.06
CA LYS A 194 -0.37 24.69 27.76
C LYS A 194 -0.95 24.76 26.37
N VAL A 195 -1.46 25.93 26.01
CA VAL A 195 -2.13 26.14 24.72
C VAL A 195 -1.13 25.97 23.57
N TYR A 196 -0.04 26.71 23.63
CA TYR A 196 0.91 26.76 22.50
C TYR A 196 1.52 25.37 22.31
N HIS A 197 1.91 24.81 23.43
CA HIS A 197 2.59 23.50 23.57
C HIS A 197 1.74 22.40 22.91
N ILE A 198 0.49 22.37 23.32
CA ILE A 198 -0.45 21.31 22.86
C ILE A 198 -0.77 21.54 21.40
N CYS A 199 -0.78 22.79 20.98
CA CYS A 199 -1.08 23.13 19.56
C CYS A 199 -0.02 22.56 18.64
N VAL A 200 1.23 22.83 18.93
CA VAL A 200 2.36 22.38 18.08
C VAL A 200 2.51 20.87 18.21
N THR A 201 2.23 20.34 19.39
CA THR A 201 2.35 18.89 19.62
C THR A 201 1.32 18.14 18.80
N VAL A 202 0.07 18.60 18.85
CA VAL A 202 -1.02 17.92 18.13
C VAL A 202 -0.86 18.11 16.63
N LEU A 203 -0.42 19.29 16.23
CA LEU A 203 -0.27 19.59 14.78
C LEU A 203 0.94 18.87 14.17
N ILE A 204 2.02 18.71 14.91
CA ILE A 204 3.26 18.14 14.34
C ILE A 204 3.33 16.66 14.60
N TYR A 205 2.45 16.10 15.43
CA TYR A 205 2.55 14.66 15.73
C TYR A 205 1.20 13.98 15.63
N PHE A 206 0.30 14.28 16.54
CA PHE A 206 -0.92 13.48 16.78
C PHE A 206 -1.86 13.49 15.57
N LEU A 207 -2.13 14.66 15.03
CA LEU A 207 -3.15 14.78 13.95
C LEU A 207 -2.67 14.19 12.65
N PRO A 208 -1.49 14.59 12.13
CA PRO A 208 -1.01 14.01 10.89
C PRO A 208 -0.81 12.49 10.90
N LEU A 209 -0.52 11.94 12.07
CA LEU A 209 -0.36 10.50 12.28
C LEU A 209 -1.73 9.80 12.23
N LEU A 210 -2.75 10.50 12.68
CA LEU A 210 -4.14 10.02 12.57
C LEU A 210 -4.51 9.93 11.12
N VAL A 211 -4.18 10.98 10.38
CA VAL A 211 -4.56 11.12 8.96
C VAL A 211 -3.86 10.06 8.11
N ILE A 212 -2.57 9.90 8.29
CA ILE A 212 -1.81 8.86 7.56
C ILE A 212 -2.33 7.49 7.98
N GLY A 213 -2.55 7.33 9.28
CA GLY A 213 -3.07 6.08 9.82
C GLY A 213 -4.29 5.65 9.08
N TYR A 214 -5.22 6.57 8.88
CA TYR A 214 -6.44 6.32 8.08
C TYR A 214 -6.07 5.92 6.65
N ALA A 215 -5.31 6.79 6.00
CA ALA A 215 -4.97 6.65 4.56
C ALA A 215 -4.36 5.28 4.27
N TYR A 216 -3.40 4.86 5.09
CA TYR A 216 -2.72 3.58 4.86
C TYR A 216 -3.53 2.41 5.38
N THR A 217 -4.46 2.68 6.29
CA THR A 217 -5.36 1.61 6.74
C THR A 217 -6.23 1.17 5.58
N VAL A 218 -6.77 2.12 4.84
CA VAL A 218 -7.71 1.85 3.73
C VAL A 218 -6.97 1.40 2.49
N VAL A 219 -5.77 1.94 2.27
CA VAL A 219 -4.93 1.50 1.14
C VAL A 219 -4.44 0.08 1.43
N GLY A 220 -4.12 -0.19 2.70
CA GLY A 220 -3.72 -1.53 3.13
C GLY A 220 -4.83 -2.55 2.94
N ILE A 221 -6.04 -2.16 3.28
CA ILE A 221 -7.28 -2.95 3.11
C ILE A 221 -7.46 -3.31 1.65
N THR A 222 -7.15 -2.36 0.78
CA THR A 222 -7.36 -2.51 -0.68
C THR A 222 -6.39 -3.54 -1.24
N LEU A 223 -5.12 -3.40 -0.89
CA LEU A 223 -4.05 -4.26 -1.44
C LEU A 223 -4.02 -5.63 -0.75
N TRP A 224 -4.07 -5.63 0.58
CA TRP A 224 -3.95 -6.87 1.37
C TRP A 224 -5.26 -7.61 1.63
N ALA A 225 -6.39 -7.18 1.10
CA ALA A 225 -7.65 -7.90 1.36
C ALA A 225 -7.60 -9.29 0.72
N SER A 226 -6.86 -9.37 -0.37
CA SER A 226 -6.73 -10.60 -1.18
C SER A 226 -5.40 -11.25 -0.89
N GLU A 227 -5.45 -12.51 -0.51
CA GLU A 227 -4.24 -13.32 -0.25
C GLU A 227 -3.40 -13.47 -1.53
N GLY A 228 -4.09 -13.58 -2.66
CA GLY A 228 -3.43 -13.74 -3.95
C GLY A 228 -3.43 -15.20 -4.33
N ILE A 229 -2.80 -15.52 -5.45
CA ILE A 229 -2.80 -16.93 -5.96
C ILE A 229 -1.39 -17.47 -6.11
N ASP A 230 -1.30 -18.78 -5.95
CA ASP A 230 -0.04 -19.54 -6.10
C ASP A 230 0.22 -19.65 -7.60
N CYS A 231 1.16 -18.84 -8.05
CA CYS A 231 1.57 -18.80 -9.48
C CYS A 231 2.44 -19.99 -9.85
N SER A 232 2.89 -20.75 -8.85
CA SER A 232 3.62 -22.00 -9.10
C SER A 232 2.60 -23.10 -9.35
N PHE A 233 1.61 -23.17 -8.46
CA PHE A 233 0.59 -24.22 -8.53
C PHE A 233 -0.22 -24.10 -9.82
N TRP A 234 -0.86 -22.94 -10.06
CA TRP A 234 -1.68 -22.71 -11.29
C TRP A 234 -0.72 -22.35 -12.41
N ASN A 235 -0.35 -23.35 -13.18
CA ASN A 235 0.54 -23.23 -14.37
C ASN A 235 0.23 -24.41 -15.27
N GLU A 236 0.22 -24.16 -16.57
CA GLU A 236 -0.20 -25.21 -17.53
C GLU A 236 0.82 -26.33 -17.55
N SER A 237 1.96 -26.13 -16.90
CA SER A 237 3.11 -27.04 -16.99
C SER A 237 2.82 -28.40 -16.39
N TYR A 238 1.93 -28.43 -15.40
CA TYR A 238 1.66 -29.64 -14.59
C TYR A 238 0.66 -30.56 -15.26
N LEU A 239 0.21 -30.17 -16.45
CA LEU A 239 -0.77 -30.95 -17.23
C LEU A 239 -0.05 -31.59 -18.41
N THR A 240 -0.57 -32.72 -18.89
CA THR A 240 0.07 -33.49 -19.99
C THR A 240 -0.79 -33.50 -21.26
N GLY A 241 -0.12 -33.65 -22.39
CA GLY A 241 -0.79 -33.64 -23.69
C GLY A 241 -1.16 -32.26 -24.14
N SER A 242 -1.74 -32.19 -25.34
CA SER A 242 -2.30 -30.94 -25.91
C SER A 242 -3.56 -30.56 -25.14
N ARG A 243 -3.91 -29.28 -25.22
CA ARG A 243 -5.15 -28.79 -24.58
C ARG A 243 -6.33 -29.42 -25.28
N ASP A 244 -6.23 -29.61 -26.59
CA ASP A 244 -7.34 -30.16 -27.39
C ASP A 244 -7.61 -31.61 -27.00
N GLU A 245 -6.52 -32.35 -26.75
CA GLU A 245 -6.65 -33.75 -26.29
C GLU A 245 -7.26 -33.78 -24.89
N ARG A 246 -6.83 -32.87 -24.03
CA ARG A 246 -7.34 -32.81 -22.66
C ARG A 246 -8.83 -32.51 -22.67
N LYS A 247 -9.27 -31.66 -23.58
CA LYS A 247 -10.70 -31.32 -23.68
C LYS A 247 -11.47 -32.52 -24.21
N LYS A 248 -10.92 -33.20 -25.21
CA LYS A 248 -11.53 -34.43 -25.76
C LYS A 248 -11.69 -35.45 -24.64
N SER A 249 -10.68 -35.55 -23.81
CA SER A 249 -10.66 -36.50 -22.69
C SER A 249 -11.70 -36.10 -21.64
N LEU A 250 -11.69 -34.84 -21.25
CA LEU A 250 -12.58 -34.33 -20.19
C LEU A 250 -14.04 -34.50 -20.57
N LEU A 251 -14.38 -34.14 -21.79
CA LEU A 251 -15.78 -34.22 -22.26
C LEU A 251 -16.20 -35.68 -22.37
N SER A 252 -15.26 -36.53 -22.78
CA SER A 252 -15.52 -37.98 -22.90
C SER A 252 -15.89 -38.55 -21.55
N LYS A 253 -15.18 -38.10 -20.52
CA LYS A 253 -15.40 -38.59 -19.14
C LYS A 253 -16.80 -38.21 -18.66
N PHE A 254 -17.34 -37.12 -19.20
CA PHE A 254 -18.70 -36.66 -18.86
C PHE A 254 -19.70 -37.23 -19.86
N GLY A 255 -19.21 -38.03 -20.81
CA GLY A 255 -20.07 -38.68 -21.80
C GLY A 255 -20.47 -37.73 -22.91
N MET A 256 -19.62 -36.77 -23.20
CA MET A 256 -19.94 -35.74 -24.22
C MET A 256 -19.04 -35.83 -25.44
N ASP A 257 -19.58 -35.46 -26.59
CA ASP A 257 -18.76 -35.28 -27.79
C ASP A 257 -18.03 -33.95 -27.68
N GLU A 258 -17.04 -33.73 -28.52
CA GLU A 258 -16.24 -32.48 -28.45
C GLU A 258 -17.09 -31.28 -28.88
N GLY A 259 -16.81 -30.14 -28.29
CA GLY A 259 -17.38 -28.86 -28.71
C GLY A 259 -16.79 -27.76 -27.88
N VAL A 260 -17.31 -26.56 -28.04
CA VAL A 260 -16.81 -25.41 -27.25
C VAL A 260 -17.23 -25.60 -25.80
N THR A 261 -16.27 -25.62 -24.91
CA THR A 261 -16.56 -25.93 -23.50
C THR A 261 -16.48 -24.67 -22.65
N PHE A 262 -17.54 -24.47 -21.87
CA PHE A 262 -17.65 -23.35 -20.92
C PHE A 262 -17.74 -23.91 -19.51
N MET A 263 -17.11 -23.22 -18.57
CA MET A 263 -17.10 -23.67 -17.17
C MET A 263 -17.44 -22.56 -16.19
N PHE A 264 -18.16 -22.95 -15.13
CA PHE A 264 -18.51 -22.06 -14.00
C PHE A 264 -18.07 -22.70 -12.69
N ILE A 265 -17.35 -21.94 -11.89
CA ILE A 265 -16.96 -22.41 -10.54
C ILE A 265 -17.25 -21.32 -9.51
N GLY A 266 -18.02 -21.67 -8.48
CA GLY A 266 -18.42 -20.71 -7.45
C GLY A 266 -19.63 -21.15 -6.68
N ARG A 267 -19.84 -20.49 -5.54
CA ARG A 267 -21.00 -20.78 -4.65
C ARG A 267 -22.26 -20.48 -5.44
N PHE A 268 -23.26 -21.32 -5.29
CA PHE A 268 -24.58 -21.02 -5.87
C PHE A 268 -25.27 -20.04 -4.95
N ASP A 269 -25.43 -18.81 -5.40
CA ASP A 269 -26.20 -17.83 -4.60
C ASP A 269 -26.88 -16.82 -5.52
N ARG A 270 -27.91 -16.20 -4.99
CA ARG A 270 -28.65 -15.13 -5.72
C ARG A 270 -27.83 -13.84 -5.75
N GLY A 271 -27.30 -13.48 -4.58
CA GLY A 271 -26.79 -12.15 -4.27
C GLY A 271 -25.44 -11.93 -4.90
N GLN A 272 -24.47 -12.77 -4.57
CA GLN A 272 -23.04 -12.41 -4.86
C GLN A 272 -22.58 -12.88 -6.24
N LYS A 273 -22.44 -14.20 -6.36
CA LYS A 273 -22.02 -14.85 -7.61
C LYS A 273 -23.24 -15.00 -8.52
N GLY A 274 -22.99 -15.16 -9.81
CA GLY A 274 -24.07 -15.01 -10.80
C GLY A 274 -24.51 -16.26 -11.49
N VAL A 275 -24.57 -17.37 -10.78
CA VAL A 275 -24.95 -18.67 -11.37
C VAL A 275 -26.37 -18.56 -11.91
N ASP A 276 -27.20 -17.79 -11.24
CA ASP A 276 -28.57 -17.59 -11.69
C ASP A 276 -28.60 -17.05 -13.10
N VAL A 277 -27.71 -16.12 -13.40
CA VAL A 277 -27.61 -15.50 -14.74
C VAL A 277 -27.11 -16.51 -15.76
N LEU A 278 -26.07 -17.31 -15.43
CA LEU A 278 -25.65 -18.36 -16.38
C LEU A 278 -26.80 -19.28 -16.75
N LEU A 279 -27.56 -19.69 -15.74
CA LEU A 279 -28.69 -20.62 -15.93
C LEU A 279 -29.75 -19.98 -16.83
N LYS A 280 -29.98 -18.70 -16.64
CA LYS A 280 -30.90 -17.93 -17.49
C LYS A 280 -30.36 -17.94 -18.92
N ALA A 281 -29.08 -17.63 -19.06
CA ALA A 281 -28.45 -17.56 -20.39
C ALA A 281 -28.44 -18.90 -21.08
N ILE A 282 -28.28 -19.96 -20.32
CA ILE A 282 -28.28 -21.34 -20.88
C ILE A 282 -29.66 -21.65 -21.43
N GLU A 283 -30.69 -21.23 -20.73
CA GLU A 283 -32.08 -21.52 -21.14
C GLU A 283 -32.40 -20.70 -22.38
N ILE A 284 -31.84 -19.50 -22.47
CA ILE A 284 -31.99 -18.69 -23.71
C ILE A 284 -31.44 -19.49 -24.87
N LEU A 285 -30.20 -19.93 -24.71
CA LEU A 285 -29.47 -20.61 -25.80
C LEU A 285 -30.14 -21.91 -26.22
N SER A 286 -30.76 -22.60 -25.26
CA SER A 286 -31.32 -23.95 -25.49
C SER A 286 -32.29 -23.94 -26.65
N SER A 287 -32.89 -22.77 -26.91
CA SER A 287 -33.90 -22.70 -28.01
C SER A 287 -33.24 -22.43 -29.36
N LYS A 288 -31.90 -22.35 -29.37
CA LYS A 288 -31.16 -22.02 -30.60
C LYS A 288 -30.27 -23.18 -31.03
N LYS A 289 -30.00 -23.21 -32.33
CA LYS A 289 -29.32 -24.34 -33.02
C LYS A 289 -27.85 -24.45 -32.64
N GLU A 290 -27.20 -23.29 -32.51
CA GLU A 290 -25.77 -23.18 -32.15
C GLU A 290 -25.53 -23.85 -30.79
N PHE A 291 -26.56 -24.02 -30.00
CA PHE A 291 -26.42 -24.63 -28.66
C PHE A 291 -25.90 -26.06 -28.74
N GLN A 292 -26.01 -26.68 -29.90
CA GLN A 292 -25.58 -28.07 -30.10
C GLN A 292 -24.06 -28.16 -30.17
N GLU A 293 -23.40 -27.03 -30.40
CA GLU A 293 -21.93 -26.99 -30.52
C GLU A 293 -21.29 -26.59 -29.19
N MET A 294 -22.09 -26.43 -28.14
CA MET A 294 -21.61 -25.96 -26.84
C MET A 294 -21.60 -27.09 -25.81
N ARG A 295 -20.73 -26.93 -24.81
CA ARG A 295 -20.60 -27.84 -23.66
C ARG A 295 -20.47 -27.01 -22.38
N PHE A 296 -21.31 -27.30 -21.41
CA PHE A 296 -21.28 -26.56 -20.12
C PHE A 296 -20.89 -27.45 -18.96
N ILE A 297 -20.13 -26.86 -18.05
CA ILE A 297 -19.71 -27.51 -16.79
C ILE A 297 -19.96 -26.55 -15.65
N ILE A 298 -21.02 -26.80 -14.91
CA ILE A 298 -21.38 -25.94 -13.76
C ILE A 298 -20.95 -26.62 -12.47
N ILE A 299 -20.07 -25.95 -11.73
CA ILE A 299 -19.50 -26.47 -10.46
C ILE A 299 -19.81 -25.52 -9.32
N GLY A 300 -20.43 -26.06 -8.29
CA GLY A 300 -20.76 -25.25 -7.10
C GLY A 300 -21.77 -25.86 -6.18
N LYS A 301 -21.86 -25.26 -4.99
CA LYS A 301 -22.76 -25.70 -3.91
C LYS A 301 -23.43 -24.47 -3.34
N GLY A 302 -24.67 -24.59 -2.89
CA GLY A 302 -25.37 -23.44 -2.30
C GLY A 302 -26.87 -23.60 -2.27
N ASP A 303 -27.50 -22.49 -2.69
CA ASP A 303 -28.97 -22.36 -2.81
C ASP A 303 -29.51 -23.62 -3.43
N PRO A 304 -30.28 -24.42 -2.63
CA PRO A 304 -30.86 -25.66 -3.13
C PRO A 304 -31.69 -25.50 -4.42
N GLU A 305 -32.28 -24.33 -4.58
CA GLU A 305 -33.14 -24.03 -5.74
C GLU A 305 -32.27 -23.91 -6.98
N LEU A 306 -31.07 -23.37 -6.82
CA LEU A 306 -30.17 -23.17 -7.97
C LEU A 306 -29.46 -24.48 -8.32
N GLU A 307 -29.22 -25.33 -7.34
CA GLU A 307 -28.71 -26.68 -7.62
C GLU A 307 -29.77 -27.44 -8.40
N GLY A 308 -31.02 -27.29 -7.98
CA GLY A 308 -32.14 -27.94 -8.67
C GLY A 308 -32.27 -27.45 -10.10
N TRP A 309 -32.24 -26.13 -10.26
CA TRP A 309 -32.32 -25.52 -11.59
C TRP A 309 -31.20 -26.05 -12.50
N ALA A 310 -30.00 -26.06 -11.98
CA ALA A 310 -28.82 -26.52 -12.75
C ALA A 310 -28.98 -27.98 -13.10
N ARG A 311 -29.34 -28.78 -12.11
CA ARG A 311 -29.49 -30.23 -12.33
C ARG A 311 -30.67 -30.47 -13.26
N SER A 312 -31.67 -29.59 -13.20
CA SER A 312 -32.85 -29.66 -14.09
C SER A 312 -32.42 -29.58 -15.55
N LEU A 313 -31.57 -28.62 -15.85
CA LEU A 313 -31.07 -28.40 -17.22
C LEU A 313 -30.14 -29.53 -17.64
N GLU A 314 -29.52 -30.15 -16.66
CA GLU A 314 -28.56 -31.27 -16.89
C GLU A 314 -29.30 -32.44 -17.47
N GLU A 315 -30.48 -32.74 -16.89
CA GLU A 315 -31.30 -33.87 -17.35
C GLU A 315 -31.96 -33.50 -18.66
N LYS A 316 -32.47 -32.29 -18.72
CA LYS A 316 -33.26 -31.79 -19.88
C LYS A 316 -32.44 -31.74 -21.16
N HIS A 317 -31.13 -31.38 -21.07
CA HIS A 317 -30.35 -31.13 -22.31
C HIS A 317 -29.23 -32.12 -22.57
N GLY A 318 -28.24 -32.20 -21.70
CA GLY A 318 -27.23 -33.26 -21.80
C GLY A 318 -25.95 -32.82 -22.50
N ASN A 319 -25.91 -31.63 -23.10
CA ASN A 319 -24.63 -30.88 -23.27
C ASN A 319 -24.30 -30.05 -22.03
N VAL A 320 -25.02 -30.28 -20.94
CA VAL A 320 -24.80 -29.61 -19.65
C VAL A 320 -24.44 -30.63 -18.57
N LYS A 321 -23.42 -30.31 -17.80
CA LYS A 321 -22.97 -31.16 -16.69
C LYS A 321 -22.90 -30.32 -15.44
N VAL A 322 -23.40 -30.86 -14.35
CA VAL A 322 -23.40 -30.15 -13.04
C VAL A 322 -22.67 -30.99 -12.02
N ILE A 323 -21.77 -30.35 -11.30
CA ILE A 323 -21.01 -30.96 -10.21
C ILE A 323 -21.29 -30.20 -8.93
N THR A 324 -21.79 -30.91 -7.92
CA THR A 324 -22.10 -30.30 -6.61
C THR A 324 -21.13 -30.78 -5.53
N GLU A 325 -20.30 -31.75 -5.89
CA GLU A 325 -19.39 -32.42 -4.94
C GLU A 325 -18.15 -31.56 -4.76
N MET A 326 -17.42 -31.77 -3.66
CA MET A 326 -16.17 -31.02 -3.41
C MET A 326 -15.04 -31.58 -4.26
N LEU A 327 -14.28 -30.69 -4.90
CA LEU A 327 -13.31 -31.09 -5.95
C LEU A 327 -11.88 -30.85 -5.49
N SER A 328 -10.99 -31.74 -5.93
CA SER A 328 -9.55 -31.58 -5.67
C SER A 328 -9.07 -30.30 -6.36
N ARG A 329 -8.19 -29.59 -5.68
CA ARG A 329 -7.58 -28.36 -6.23
C ARG A 329 -6.94 -28.70 -7.57
N GLU A 330 -6.34 -29.87 -7.63
CA GLU A 330 -5.64 -30.33 -8.84
C GLU A 330 -6.62 -30.56 -9.96
N PHE A 331 -7.84 -31.00 -9.61
CA PHE A 331 -8.86 -31.32 -10.62
C PHE A 331 -9.42 -30.03 -11.21
N VAL A 332 -9.52 -29.00 -10.38
CA VAL A 332 -10.00 -27.71 -10.85
C VAL A 332 -8.97 -27.09 -11.79
N ARG A 333 -7.72 -27.33 -11.50
CA ARG A 333 -6.62 -26.88 -12.38
C ARG A 333 -6.75 -27.60 -13.71
N GLU A 334 -7.08 -28.88 -13.69
CA GLU A 334 -7.28 -29.66 -14.92
C GLU A 334 -8.41 -29.05 -15.74
N LEU A 335 -9.49 -28.70 -15.05
CA LEU A 335 -10.68 -28.10 -15.71
C LEU A 335 -10.30 -26.81 -16.39
N TYR A 336 -9.78 -25.87 -15.60
CA TYR A 336 -9.26 -24.60 -16.13
C TYR A 336 -8.39 -24.83 -17.35
N GLY A 337 -7.49 -25.80 -17.26
CA GLY A 337 -6.53 -26.05 -18.32
C GLY A 337 -7.04 -26.89 -19.45
N SER A 338 -8.31 -27.26 -19.40
CA SER A 338 -8.93 -28.10 -20.46
C SER A 338 -10.03 -27.36 -21.20
N VAL A 339 -10.91 -26.70 -20.46
CA VAL A 339 -12.06 -26.01 -21.08
C VAL A 339 -11.56 -24.84 -21.91
N ASP A 340 -12.40 -24.38 -22.83
CA ASP A 340 -12.06 -23.27 -23.74
C ASP A 340 -12.28 -21.94 -23.04
N PHE A 341 -13.44 -21.78 -22.40
CA PHE A 341 -13.79 -20.53 -21.73
C PHE A 341 -14.25 -20.76 -20.30
N VAL A 342 -14.05 -19.75 -19.48
CA VAL A 342 -14.57 -19.74 -18.09
C VAL A 342 -15.50 -18.58 -17.94
N ILE A 343 -16.70 -18.88 -17.48
CA ILE A 343 -17.75 -17.85 -17.24
C ILE A 343 -17.67 -17.41 -15.80
N ILE A 344 -17.69 -16.09 -15.59
CA ILE A 344 -17.51 -15.51 -14.23
C ILE A 344 -18.50 -14.36 -14.13
N PRO A 345 -19.81 -14.65 -14.07
CA PRO A 345 -20.85 -13.62 -14.14
C PRO A 345 -21.23 -12.98 -12.79
N SER A 346 -20.21 -12.66 -12.02
CA SER A 346 -20.39 -12.08 -10.66
C SER A 346 -21.23 -10.79 -10.67
N TYR A 347 -21.91 -10.55 -9.56
CA TYR A 347 -22.42 -9.19 -9.20
C TYR A 347 -21.34 -8.49 -8.40
N PHE A 348 -20.88 -9.18 -7.34
CA PHE A 348 -19.82 -8.68 -6.47
C PHE A 348 -18.63 -9.63 -6.47
N GLU A 349 -17.51 -9.15 -6.99
CA GLU A 349 -16.23 -9.89 -6.98
C GLU A 349 -15.10 -8.90 -6.71
N PRO A 350 -14.67 -8.70 -5.46
CA PRO A 350 -13.66 -7.70 -5.16
C PRO A 350 -12.23 -8.12 -5.52
N PHE A 351 -12.04 -9.40 -5.79
CA PHE A 351 -10.70 -9.99 -6.02
C PHE A 351 -10.55 -10.57 -7.44
N GLY A 352 -11.40 -11.52 -7.76
CA GLY A 352 -11.37 -12.13 -9.11
C GLY A 352 -10.27 -13.15 -9.23
N LEU A 353 -10.02 -13.90 -8.16
CA LEU A 353 -8.97 -14.93 -8.12
C LEU A 353 -9.27 -16.03 -9.15
N VAL A 354 -10.54 -16.21 -9.48
CA VAL A 354 -10.95 -17.22 -10.46
C VAL A 354 -10.43 -16.85 -11.84
N ALA A 355 -10.53 -15.56 -12.17
CA ALA A 355 -10.07 -15.06 -13.47
C ALA A 355 -8.61 -15.41 -13.64
N LEU A 356 -7.83 -15.09 -12.62
CA LEU A 356 -6.38 -15.34 -12.63
C LEU A 356 -6.06 -16.81 -12.82
N GLU A 357 -6.59 -17.64 -11.92
CA GLU A 357 -6.36 -19.10 -11.97
C GLU A 357 -6.76 -19.64 -13.35
N ALA A 358 -7.85 -19.12 -13.89
CA ALA A 358 -8.32 -19.54 -15.21
C ALA A 358 -7.36 -19.07 -16.29
N MET A 359 -6.97 -17.80 -16.21
CA MET A 359 -6.12 -17.18 -17.24
C MET A 359 -4.71 -17.77 -17.24
N CYS A 360 -4.17 -18.05 -16.06
CA CYS A 360 -2.84 -18.68 -15.95
C CYS A 360 -2.83 -20.01 -16.69
N LEU A 361 -3.97 -20.68 -16.68
CA LEU A 361 -4.08 -22.02 -17.29
C LEU A 361 -4.67 -21.95 -18.68
N GLY A 362 -4.79 -20.74 -19.21
CA GLY A 362 -5.16 -20.53 -20.60
C GLY A 362 -6.66 -20.58 -20.85
N ALA A 363 -7.46 -20.62 -19.80
CA ALA A 363 -8.91 -20.48 -19.96
C ALA A 363 -9.22 -19.02 -20.24
N ILE A 364 -10.03 -18.79 -21.26
CA ILE A 364 -10.41 -17.42 -21.68
C ILE A 364 -11.63 -17.00 -20.86
N PRO A 365 -11.48 -15.99 -20.01
CA PRO A 365 -12.60 -15.57 -19.17
C PRO A 365 -13.69 -14.80 -19.89
N ILE A 366 -14.93 -15.19 -19.66
CA ILE A 366 -16.11 -14.42 -20.05
C ILE A 366 -16.74 -13.95 -18.77
N ALA A 367 -16.36 -12.77 -18.33
CA ALA A 367 -16.66 -12.29 -16.96
C ALA A 367 -17.58 -11.09 -16.99
N SER A 368 -18.29 -10.89 -15.90
CA SER A 368 -19.00 -9.62 -15.63
C SER A 368 -17.96 -8.56 -15.28
N ALA A 369 -18.17 -7.34 -15.79
CA ALA A 369 -17.29 -6.20 -15.46
C ALA A 369 -17.65 -5.64 -14.09
N VAL A 370 -17.00 -6.08 -13.05
CA VAL A 370 -17.27 -5.59 -11.68
C VAL A 370 -16.03 -5.73 -10.86
N GLY A 371 -15.80 -4.87 -9.87
CA GLY A 371 -14.71 -5.02 -8.91
C GLY A 371 -13.38 -5.34 -9.55
N GLY A 372 -12.80 -6.46 -9.14
CA GLY A 372 -11.46 -6.87 -9.58
C GLY A 372 -11.44 -7.47 -10.98
N LEU A 373 -12.62 -7.68 -11.55
CA LEU A 373 -12.72 -8.34 -12.86
C LEU A 373 -12.51 -7.37 -14.01
N ARG A 374 -12.87 -6.11 -13.83
CA ARG A 374 -12.65 -5.08 -14.85
C ARG A 374 -11.21 -4.58 -14.78
N ASP A 375 -10.61 -4.75 -13.62
CA ASP A 375 -9.18 -4.41 -13.40
C ASP A 375 -8.29 -5.42 -14.11
N ILE A 376 -8.67 -6.68 -13.99
CA ILE A 376 -7.85 -7.84 -14.44
C ILE A 376 -8.00 -8.06 -15.93
N ILE A 377 -9.23 -8.07 -16.42
CA ILE A 377 -9.52 -8.39 -17.82
C ILE A 377 -9.39 -7.16 -18.70
N THR A 378 -8.61 -7.33 -19.76
CA THR A 378 -8.35 -6.34 -20.82
C THR A 378 -9.18 -6.68 -22.05
N ASN A 379 -9.10 -5.81 -23.06
CA ASN A 379 -9.81 -6.01 -24.35
C ASN A 379 -9.32 -7.27 -25.10
N GLU A 380 -8.01 -7.48 -25.10
CA GLU A 380 -7.39 -8.59 -25.82
C GLU A 380 -7.31 -9.82 -24.93
N THR A 381 -7.81 -9.72 -23.72
CA THR A 381 -7.66 -10.76 -22.69
C THR A 381 -8.87 -11.67 -22.61
N GLY A 382 -10.04 -11.10 -22.44
CA GLY A 382 -11.30 -11.84 -22.32
C GLY A 382 -12.46 -11.07 -22.87
N ILE A 383 -13.65 -11.58 -22.57
CA ILE A 383 -14.93 -10.93 -22.94
C ILE A 383 -15.58 -10.43 -21.67
N LEU A 384 -15.98 -9.16 -21.68
CA LEU A 384 -16.60 -8.52 -20.51
C LEU A 384 -18.05 -8.16 -20.81
N VAL A 385 -18.89 -8.33 -19.83
CA VAL A 385 -20.36 -8.21 -20.00
C VAL A 385 -20.94 -7.51 -18.79
N LYS A 386 -22.14 -6.94 -18.92
CA LYS A 386 -22.75 -6.21 -17.80
C LYS A 386 -23.36 -7.20 -16.82
N ALA A 387 -23.06 -7.00 -15.54
CA ALA A 387 -23.47 -7.93 -14.48
C ALA A 387 -25.00 -7.95 -14.38
N GLY A 388 -25.55 -9.16 -14.30
CA GLY A 388 -26.99 -9.34 -14.09
C GLY A 388 -27.77 -9.42 -15.39
N ASP A 389 -27.08 -9.30 -16.51
CA ASP A 389 -27.74 -9.34 -17.83
C ASP A 389 -27.48 -10.69 -18.49
N PRO A 390 -28.51 -11.57 -18.50
CA PRO A 390 -28.47 -12.84 -19.21
C PRO A 390 -28.44 -12.70 -20.73
N GLY A 391 -28.85 -11.53 -21.18
CA GLY A 391 -28.87 -11.16 -22.59
C GLY A 391 -27.48 -11.04 -23.13
N GLU A 392 -26.71 -10.15 -22.52
CA GLU A 392 -25.30 -9.92 -22.91
C GLU A 392 -24.51 -11.20 -22.71
N LEU A 393 -24.82 -11.94 -21.66
CA LEU A 393 -24.09 -13.17 -21.32
C LEU A 393 -24.33 -14.26 -22.36
N ALA A 394 -25.58 -14.44 -22.75
CA ALA A 394 -25.93 -15.45 -23.77
C ALA A 394 -25.24 -15.09 -25.07
N ASN A 395 -25.20 -13.80 -25.37
CA ASN A 395 -24.54 -13.32 -26.60
C ASN A 395 -23.04 -13.56 -26.52
N ALA A 396 -22.45 -13.25 -25.38
CA ALA A 396 -21.00 -13.44 -25.17
C ALA A 396 -20.63 -14.92 -25.34
N ILE A 397 -21.53 -15.80 -24.95
CA ILE A 397 -21.30 -17.24 -25.09
C ILE A 397 -21.30 -17.57 -26.57
N LEU A 398 -22.19 -16.93 -27.31
CA LEU A 398 -22.30 -17.17 -28.76
C LEU A 398 -21.13 -16.54 -29.49
N LYS A 399 -20.66 -15.41 -29.00
CA LYS A 399 -19.46 -14.76 -29.54
C LYS A 399 -18.30 -15.74 -29.39
N ALA A 400 -18.17 -16.29 -28.19
CA ALA A 400 -17.09 -17.23 -27.87
C ALA A 400 -17.17 -18.46 -28.78
N LEU A 401 -18.37 -18.85 -29.14
CA LEU A 401 -18.55 -20.00 -30.04
C LEU A 401 -18.01 -19.67 -31.44
N GLU A 402 -18.35 -18.50 -31.93
CA GLU A 402 -17.89 -18.05 -33.27
C GLU A 402 -16.38 -17.91 -33.28
N LEU A 403 -15.84 -17.46 -32.16
CA LEU A 403 -14.38 -17.27 -32.03
C LEU A 403 -13.63 -18.61 -32.02
N SER A 404 -14.27 -19.65 -31.55
CA SER A 404 -13.66 -20.98 -31.42
C SER A 404 -13.35 -21.58 -32.78
N ARG A 405 -13.86 -20.97 -33.84
CA ARG A 405 -13.66 -21.48 -35.21
C ARG A 405 -12.33 -21.00 -35.78
N SER A 406 -11.73 -20.03 -35.12
CA SER A 406 -10.39 -19.55 -35.46
C SER A 406 -9.36 -20.20 -34.53
N ASP A 407 -8.14 -19.73 -34.57
CA ASP A 407 -7.09 -20.20 -33.65
C ASP A 407 -7.05 -19.26 -32.45
N LEU A 408 -7.39 -19.80 -31.31
CA LEU A 408 -7.48 -19.04 -30.03
C LEU A 408 -6.14 -19.01 -29.29
N SER A 409 -5.12 -19.63 -29.85
CA SER A 409 -3.88 -19.90 -29.08
C SER A 409 -3.29 -18.58 -28.59
N LYS A 410 -3.24 -17.59 -29.47
CA LYS A 410 -2.62 -16.30 -29.09
C LYS A 410 -3.50 -15.57 -28.09
N PHE A 411 -4.78 -15.83 -28.13
CA PHE A 411 -5.73 -15.24 -27.16
C PHE A 411 -5.36 -15.75 -25.77
N ARG A 412 -5.07 -17.04 -25.71
CA ARG A 412 -4.73 -17.70 -24.42
C ARG A 412 -3.35 -17.27 -23.96
N GLU A 413 -2.43 -17.04 -24.88
CA GLU A 413 -1.09 -16.57 -24.53
C GLU A 413 -1.20 -15.21 -23.82
N ASN A 414 -2.02 -14.36 -24.38
CA ASN A 414 -2.31 -13.01 -23.82
C ASN A 414 -2.81 -13.10 -22.39
N CYS A 415 -3.71 -14.03 -22.14
CA CYS A 415 -4.31 -14.23 -20.81
C CYS A 415 -3.23 -14.56 -19.78
N LYS A 416 -2.39 -15.54 -20.11
CA LYS A 416 -1.32 -15.98 -19.20
C LYS A 416 -0.41 -14.82 -18.87
N LYS A 417 0.05 -14.11 -19.91
CA LYS A 417 0.97 -12.97 -19.74
C LYS A 417 0.30 -11.91 -18.88
N ARG A 418 -0.98 -11.68 -19.12
CA ARG A 418 -1.74 -10.63 -18.40
C ARG A 418 -1.88 -11.01 -16.96
N ALA A 419 -2.30 -12.25 -16.69
CA ALA A 419 -2.55 -12.75 -15.33
C ALA A 419 -1.30 -12.65 -14.47
N MET A 420 -0.19 -13.03 -15.09
CA MET A 420 1.11 -13.00 -14.38
C MET A 420 1.54 -11.55 -14.22
N SER A 421 1.30 -10.71 -15.22
CA SER A 421 1.67 -9.29 -15.16
C SER A 421 0.92 -8.62 -14.01
N PHE A 422 -0.39 -8.79 -14.01
CA PHE A 422 -1.28 -8.24 -12.98
C PHE A 422 -0.80 -8.59 -11.59
N SER A 423 -0.48 -9.85 -11.38
CA SER A 423 -0.03 -10.39 -10.09
C SER A 423 1.20 -9.63 -9.59
N GLU A 424 2.13 -9.39 -10.50
CA GLU A 424 3.42 -8.78 -10.16
C GLU A 424 3.24 -7.29 -9.89
N GLN A 425 2.34 -6.65 -10.65
CA GLN A 425 2.03 -5.23 -10.42
C GLN A 425 1.59 -5.03 -8.97
N VAL A 426 0.68 -5.88 -8.55
CA VAL A 426 0.07 -5.83 -7.19
C VAL A 426 1.14 -6.02 -6.14
N SER A 427 2.04 -6.96 -6.39
CA SER A 427 3.13 -7.31 -5.45
C SER A 427 4.01 -6.09 -5.22
N ALA A 428 4.33 -5.40 -6.32
CA ALA A 428 5.18 -4.20 -6.27
C ALA A 428 4.50 -3.10 -5.46
N LYS A 429 3.24 -2.86 -5.80
CA LYS A 429 2.44 -1.79 -5.16
C LYS A 429 2.38 -2.01 -3.67
N ARG A 430 2.26 -3.27 -3.27
CA ARG A 430 2.22 -3.66 -1.84
C ARG A 430 3.56 -3.37 -1.19
N LYS A 431 4.63 -3.81 -1.86
CA LYS A 431 6.00 -3.65 -1.30
C LYS A 431 6.28 -2.18 -1.09
N VAL A 432 5.85 -1.34 -2.04
CA VAL A 432 6.06 0.12 -1.95
C VAL A 432 5.35 0.72 -0.75
N VAL A 433 4.03 0.50 -0.69
CA VAL A 433 3.23 1.07 0.42
C VAL A 433 3.69 0.52 1.77
N LYS A 434 4.23 -0.70 1.80
CA LYS A 434 4.76 -1.27 3.05
C LYS A 434 5.86 -0.36 3.58
N MET A 435 6.80 -0.09 2.68
CA MET A 435 8.01 0.70 3.01
C MET A 435 7.57 2.05 3.56
N MET A 436 6.54 2.65 3.00
CA MET A 436 6.07 3.96 3.46
C MET A 436 5.42 3.85 4.85
N ILE A 437 4.75 2.74 5.08
CA ILE A 437 4.16 2.50 6.42
C ILE A 437 5.27 2.38 7.42
N VAL A 438 6.30 1.59 7.09
CA VAL A 438 7.45 1.41 8.00
C VAL A 438 8.02 2.78 8.42
N VAL A 439 8.27 3.64 7.46
CA VAL A 439 8.93 4.94 7.74
C VAL A 439 7.99 5.82 8.55
N VAL A 440 6.68 5.63 8.38
CA VAL A 440 5.71 6.40 9.20
C VAL A 440 5.71 5.83 10.61
N CYS A 441 5.75 4.52 10.71
CA CYS A 441 5.78 3.85 12.04
C CYS A 441 7.04 4.25 12.79
N THR A 442 8.14 4.51 12.14
CA THR A 442 9.34 5.00 12.80
C THR A 442 9.05 6.25 13.62
N PHE A 443 8.53 7.26 12.94
CA PHE A 443 8.30 8.58 13.58
C PHE A 443 7.32 8.36 14.71
N ALA A 444 6.26 7.62 14.45
CA ALA A 444 5.27 7.19 15.45
C ALA A 444 5.96 6.66 16.71
N ILE A 445 7.02 5.89 16.55
CA ILE A 445 7.69 5.34 17.75
C ILE A 445 8.53 6.39 18.44
N CYS A 446 9.58 6.83 17.76
CA CYS A 446 10.68 7.61 18.38
C CYS A 446 10.20 8.85 19.10
N TRP A 447 9.18 9.50 18.56
CA TRP A 447 8.76 10.84 19.05
C TRP A 447 7.63 10.75 20.06
N LEU A 448 7.12 9.57 20.33
CA LEU A 448 6.07 9.44 21.36
C LEU A 448 6.64 9.75 22.73
N PRO A 449 7.72 9.08 23.16
CA PRO A 449 8.28 9.38 24.48
C PRO A 449 8.70 10.85 24.63
N PHE A 450 9.13 11.47 23.54
CA PHE A 450 9.63 12.84 23.56
C PHE A 450 8.53 13.82 23.93
N HIS A 451 7.32 13.59 23.38
CA HIS A 451 6.17 14.50 23.58
C HIS A 451 5.49 14.26 24.92
N ILE A 452 5.23 13.01 25.25
CA ILE A 452 4.54 12.63 26.51
C ILE A 452 5.43 13.01 27.68
N PHE A 453 6.73 13.04 27.43
CA PHE A 453 7.74 13.49 28.41
C PHE A 453 7.51 14.96 28.73
N PHE A 454 7.36 15.78 27.70
CA PHE A 454 7.12 17.22 27.86
C PHE A 454 5.69 17.54 28.27
N LEU A 455 4.79 16.61 28.02
CA LEU A 455 3.34 16.81 28.25
C LEU A 455 2.94 16.47 29.67
N LEU A 456 3.81 15.78 30.40
CA LEU A 456 3.43 15.14 31.68
C LEU A 456 3.26 16.17 32.81
N PRO A 457 4.27 17.04 33.06
CA PRO A 457 4.20 17.84 34.29
C PRO A 457 3.15 18.94 34.23
N TYR A 458 1.89 18.56 34.08
CA TYR A 458 0.80 19.55 33.86
C TYR A 458 -0.45 19.19 34.66
N ILE A 459 -1.07 18.09 34.25
CA ILE A 459 -2.22 17.54 35.03
C ILE A 459 -1.65 16.77 36.22
N ASN A 460 -0.44 16.27 36.01
CA ASN A 460 0.28 15.45 37.01
C ASN A 460 1.58 16.15 37.34
N PRO A 461 1.73 16.72 38.56
CA PRO A 461 2.98 17.37 38.95
C PRO A 461 4.19 16.43 38.89
N ASP A 462 5.32 16.98 38.47
CA ASP A 462 6.53 16.19 38.16
C ASP A 462 7.00 15.44 39.40
N LEU A 463 7.43 14.21 39.20
CA LEU A 463 8.03 13.41 40.28
C LEU A 463 9.55 13.51 40.20
N TYR A 464 10.17 14.26 41.12
CA TYR A 464 11.62 14.36 41.16
C TYR A 464 12.20 13.41 42.21
N LEU A 465 11.38 12.45 42.62
CA LEU A 465 11.69 11.55 43.74
C LEU A 465 12.85 10.62 43.39
N LYS A 466 12.87 10.07 42.19
CA LYS A 466 13.91 9.11 41.79
C LYS A 466 15.23 9.83 41.51
N LYS A 467 16.30 9.08 41.66
CA LYS A 467 17.67 9.54 41.30
C LYS A 467 17.88 9.64 39.79
N PHE A 468 16.99 9.01 39.03
CA PHE A 468 17.01 9.09 37.55
C PHE A 468 16.29 10.36 37.06
N ILE A 469 17.07 11.33 36.64
CA ILE A 469 16.51 12.62 36.16
C ILE A 469 17.06 12.94 34.77
N GLN A 470 18.36 13.21 34.70
CA GLN A 470 18.94 13.78 33.47
C GLN A 470 19.15 12.66 32.45
N GLN A 471 19.45 11.48 32.97
CA GLN A 471 19.94 10.34 32.15
C GLN A 471 18.83 9.86 31.23
N VAL A 472 17.61 9.93 31.73
CA VAL A 472 16.40 9.50 31.00
C VAL A 472 16.07 10.49 29.90
N TYR A 473 16.15 11.78 30.22
CA TYR A 473 16.01 12.87 29.23
C TYR A 473 16.91 12.62 28.03
N LEU A 474 18.14 12.17 28.36
CA LEU A 474 19.20 11.91 27.37
C LEU A 474 18.80 10.72 26.49
N ALA A 475 18.33 9.68 27.12
CA ALA A 475 17.97 8.42 26.45
C ALA A 475 16.80 8.63 25.52
N ILE A 476 15.81 9.35 25.99
CA ILE A 476 14.57 9.65 25.22
C ILE A 476 14.94 10.58 24.08
N MET A 477 15.60 11.70 24.40
CA MET A 477 15.99 12.68 23.38
C MET A 477 16.83 11.97 22.32
N TRP A 478 17.65 11.00 22.77
CA TRP A 478 18.51 10.24 21.85
C TRP A 478 17.67 9.42 20.91
N LEU A 479 16.67 8.73 21.40
CA LEU A 479 15.73 7.95 20.58
C LEU A 479 15.03 8.81 19.54
N ALA A 480 14.37 9.87 20.01
CA ALA A 480 13.68 10.83 19.13
C ALA A 480 14.60 11.36 18.05
N MET A 481 15.85 11.64 18.40
CA MET A 481 16.80 12.17 17.41
C MET A 481 17.30 11.05 16.50
N SER A 482 17.28 9.83 17.01
CA SER A 482 17.80 8.66 16.25
C SER A 482 16.80 8.26 15.16
N SER A 483 15.58 8.80 15.24
CA SER A 483 14.55 8.53 14.22
C SER A 483 15.04 8.97 12.85
N THR A 484 15.94 9.95 12.85
CA THR A 484 16.38 10.62 11.63
C THR A 484 17.33 9.74 10.82
N MET A 485 17.98 8.78 11.48
CA MET A 485 18.99 7.93 10.80
C MET A 485 18.39 6.59 10.37
N TYR A 486 17.10 6.39 10.56
CA TYR A 486 16.47 5.08 10.33
C TYR A 486 15.99 4.91 8.89
N ASN A 487 15.34 5.94 8.38
CA ASN A 487 14.69 5.93 7.05
C ASN A 487 15.62 5.49 5.94
N PRO A 488 16.83 6.07 5.80
CA PRO A 488 17.68 5.70 4.68
C PRO A 488 18.06 4.22 4.68
N ILE A 489 18.12 3.65 5.88
CA ILE A 489 18.37 2.20 6.04
C ILE A 489 17.14 1.42 5.62
N ILE A 490 15.98 1.89 6.06
CA ILE A 490 14.69 1.26 5.75
C ILE A 490 14.49 1.24 4.25
N TYR A 491 14.96 2.28 3.58
CA TYR A 491 14.79 2.43 2.11
C TYR A 491 15.54 1.33 1.37
N CYS A 492 16.81 1.10 1.70
CA CYS A 492 17.61 0.10 0.97
C CYS A 492 17.26 -1.32 1.42
N CYS A 493 16.79 -1.47 2.63
CA CYS A 493 16.43 -2.79 3.20
C CYS A 493 15.14 -3.33 2.61
N LEU A 494 14.19 -2.44 2.35
CA LEU A 494 12.90 -2.89 1.73
C LEU A 494 12.98 -2.89 0.20
N ASN A 495 13.29 -1.68 -0.31
CA ASN A 495 13.30 -1.39 -1.76
C ASN A 495 14.69 -1.66 -2.35
N ASP A 496 14.68 -2.38 -3.44
CA ASP A 496 15.94 -2.79 -4.12
C ASP A 496 16.54 -1.62 -4.89
N ARG A 497 15.70 -0.71 -5.38
CA ARG A 497 16.15 0.36 -6.29
C ARG A 497 17.14 1.27 -5.55
N PHE A 498 16.82 1.56 -4.29
CA PHE A 498 17.70 2.35 -3.42
C PHE A 498 18.97 1.55 -3.14
N ARG A 499 18.77 0.29 -2.76
CA ARG A 499 19.87 -0.59 -2.35
C ARG A 499 20.91 -0.68 -3.47
N LEU A 500 20.45 -0.81 -4.71
CA LEU A 500 21.35 -0.90 -5.86
C LEU A 500 21.93 0.47 -6.17
N GLY A 501 21.19 1.52 -5.80
CA GLY A 501 21.69 2.89 -5.92
C GLY A 501 22.88 3.07 -4.98
N PHE A 502 22.78 2.43 -3.82
CA PHE A 502 23.91 2.33 -2.88
C PHE A 502 25.07 1.53 -3.49
N LYS A 503 24.74 0.45 -4.18
CA LYS A 503 25.72 -0.41 -4.86
C LYS A 503 26.51 0.39 -5.85
N HIS A 504 25.90 1.35 -6.53
CA HIS A 504 26.55 2.24 -7.49
C HIS A 504 27.80 2.92 -6.92
N ALA A 505 27.68 3.62 -5.80
CA ALA A 505 28.85 4.23 -5.15
C ALA A 505 29.10 3.68 -3.74
N PHE A 506 28.27 4.09 -2.81
CA PHE A 506 28.20 3.51 -1.45
C PHE A 506 26.90 3.98 -0.79
#